data_5U1H
#
_entry.id   5U1H
#
_cell.length_a   53.340
_cell.length_b   55.920
_cell.length_c   79.080
_cell.angle_alpha   90.000
_cell.angle_beta   107.780
_cell.angle_gamma   90.000
#
_symmetry.space_group_name_H-M   'P 1 21 1'
#
loop_
_entity.id
_entity.type
_entity.pdbx_description
1 polymer 'Outer membrane porin F'
2 non-polymer '(2R,6S)-2-amino-6-(carboxyamino)-7-{[(1R)-1-carboxyethyl]amino}-7-oxoheptanoic acid'
3 non-polymer 'ACETATE ION'
4 non-polymer 'CHLORIDE ION'
5 non-polymer 'SULFATE ION'
6 water water
#
_entity_poly.entity_id   1
_entity_poly.type   'polypeptide(L)'
_entity_poly.pdbx_seq_one_letter_code
;SNAAVAEVVRVQLDVKFDFDKSKVKENSYADIKNLADFMKQYPSTSTTVEGHTDSVGTDAYNQKLSERRANAVRDVLVNE
YGVEGGRVNAVGYGESRPVADNATAEGRAINRRVEAEVEAEAK
;
_entity_poly.pdbx_strand_id   A,B,C,D
#
# COMPACT_ATOMS: atom_id res chain seq x y z
N SER A 1 -6.21 21.42 0.53
CA SER A 1 -6.03 20.10 -0.07
C SER A 1 -6.28 20.16 -1.58
N ASN A 2 -5.70 19.22 -2.34
CA ASN A 2 -5.85 19.19 -3.78
C ASN A 2 -6.02 17.76 -4.27
N ALA A 3 -6.80 17.61 -5.34
CA ALA A 3 -6.99 16.33 -6.00
C ALA A 3 -5.70 15.89 -6.70
N ALA A 4 -5.63 14.59 -6.99
CA ALA A 4 -4.44 14.06 -7.65
C ALA A 4 -4.80 12.79 -8.42
N VAL A 5 -4.04 12.52 -9.47
CA VAL A 5 -4.13 11.27 -10.19
C VAL A 5 -2.76 10.95 -10.77
N ALA A 6 -2.43 9.66 -10.81
CA ALA A 6 -1.17 9.23 -11.41
C ALA A 6 -1.32 7.80 -11.89
N GLU A 7 -0.57 7.48 -12.95
CA GLU A 7 -0.53 6.14 -13.53
C GLU A 7 0.91 5.68 -13.56
N VAL A 8 1.18 4.54 -12.93
CA VAL A 8 2.55 4.02 -12.82
C VAL A 8 2.53 2.53 -13.09
N VAL A 9 3.69 2.00 -13.49
CA VAL A 9 3.94 0.56 -13.53
CA VAL A 9 3.92 0.56 -13.51
C VAL A 9 4.74 0.19 -12.29
N ARG A 10 4.45 -0.98 -11.72
CA ARG A 10 5.02 -1.37 -10.44
C ARG A 10 5.37 -2.85 -10.45
N VAL A 11 6.59 -3.18 -10.04
CA VAL A 11 6.99 -4.55 -9.80
CA VAL A 11 7.02 -4.54 -9.79
C VAL A 11 7.17 -4.71 -8.28
N GLN A 12 6.59 -5.78 -7.75
CA GLN A 12 6.70 -6.07 -6.32
C GLN A 12 7.23 -7.48 -6.12
N LEU A 13 8.26 -7.61 -5.28
CA LEU A 13 9.01 -8.83 -5.03
C LEU A 13 8.88 -9.21 -3.57
N ASP A 14 8.73 -10.52 -3.32
CA ASP A 14 8.64 -11.08 -1.97
C ASP A 14 9.49 -12.35 -1.96
N VAL A 15 10.62 -12.31 -1.27
CA VAL A 15 11.56 -13.44 -1.19
C VAL A 15 11.46 -14.03 0.21
N LYS A 16 11.28 -15.35 0.33
CA LYS A 16 11.21 -16.01 1.63
C LYS A 16 12.52 -16.69 1.99
N PHE A 17 12.77 -16.83 3.31
CA PHE A 17 14.03 -17.36 3.82
C PHE A 17 13.80 -18.49 4.81
N ASP A 18 14.73 -19.44 4.80
CA ASP A 18 14.74 -20.50 5.79
C ASP A 18 15.10 -19.94 7.15
N PHE A 19 14.73 -20.70 8.18
CA PHE A 19 14.94 -20.30 9.56
C PHE A 19 16.41 -20.01 9.83
N ASP A 20 16.67 -18.81 10.37
CA ASP A 20 17.99 -18.31 10.73
C ASP A 20 18.95 -18.26 9.53
N LYS A 21 18.44 -18.20 8.31
CA LYS A 21 19.26 -18.14 7.11
C LYS A 21 19.07 -16.82 6.39
N SER A 22 20.13 -16.34 5.76
CA SER A 22 20.04 -15.17 4.89
C SER A 22 20.37 -15.54 3.44
N LYS A 23 20.49 -16.82 3.13
CA LYS A 23 20.79 -17.26 1.78
C LYS A 23 19.56 -17.07 0.90
N VAL A 24 19.77 -16.50 -0.27
CA VAL A 24 18.71 -16.39 -1.26
C VAL A 24 18.51 -17.75 -1.92
N LYS A 25 17.30 -18.28 -1.82
CA LYS A 25 16.99 -19.59 -2.39
C LYS A 25 17.03 -19.55 -3.91
N GLU A 26 17.41 -20.67 -4.51
CA GLU A 26 17.63 -20.72 -5.95
C GLU A 26 16.37 -20.41 -6.73
N ASN A 27 15.20 -20.81 -6.23
CA ASN A 27 13.96 -20.55 -6.91
C ASN A 27 13.52 -19.09 -6.84
N SER A 28 14.25 -18.24 -6.11
CA SER A 28 13.94 -16.82 -6.08
C SER A 28 14.80 -15.99 -7.02
N TYR A 29 15.83 -16.59 -7.65
CA TYR A 29 16.68 -15.81 -8.54
C TYR A 29 15.90 -15.29 -9.74
N ALA A 30 15.07 -16.13 -10.34
CA ALA A 30 14.26 -15.70 -11.48
C ALA A 30 13.30 -14.58 -11.09
N ASP A 31 12.69 -14.68 -9.90
CA ASP A 31 11.84 -13.59 -9.42
C ASP A 31 12.64 -12.31 -9.26
N ILE A 32 13.84 -12.41 -8.68
CA ILE A 32 14.66 -11.22 -8.49
C ILE A 32 15.02 -10.61 -9.85
N LYS A 33 15.32 -11.46 -10.85
CA LYS A 33 15.66 -10.95 -12.17
C LYS A 33 14.53 -10.14 -12.78
N ASN A 34 13.26 -10.46 -12.48
CA ASN A 34 12.17 -9.62 -12.99
C ASN A 34 12.29 -8.20 -12.47
N LEU A 35 12.69 -8.04 -11.21
CA LEU A 35 12.87 -6.69 -10.70
C LEU A 35 14.06 -6.01 -11.36
N ALA A 36 15.15 -6.75 -11.61
CA ALA A 36 16.29 -6.20 -12.34
C ALA A 36 15.91 -5.78 -13.75
N ASP A 37 15.11 -6.60 -14.44
CA ASP A 37 14.65 -6.26 -15.79
C ASP A 37 13.96 -4.91 -15.81
N PHE A 38 13.11 -4.66 -14.81
CA PHE A 38 12.40 -3.40 -14.71
C PHE A 38 13.36 -2.24 -14.50
N MET A 39 14.31 -2.40 -13.58
CA MET A 39 15.25 -1.31 -13.29
C MET A 39 16.14 -1.01 -14.50
N LYS A 40 16.53 -2.04 -15.26
CA LYS A 40 17.30 -1.77 -16.47
C LYS A 40 16.52 -0.94 -17.47
N GLN A 41 15.20 -1.13 -17.53
CA GLN A 41 14.41 -0.47 -18.55
C GLN A 41 13.95 0.93 -18.15
N TYR A 42 14.03 1.26 -16.85
CA TYR A 42 13.72 2.59 -16.34
C TYR A 42 14.92 3.07 -15.54
N PRO A 43 15.95 3.61 -16.21
CA PRO A 43 17.22 3.88 -15.54
C PRO A 43 17.14 4.89 -14.40
N SER A 44 16.13 5.75 -14.35
CA SER A 44 16.06 6.75 -13.28
C SER A 44 15.48 6.18 -11.99
N THR A 45 15.02 4.94 -12.00
CA THR A 45 14.38 4.39 -10.82
C THR A 45 15.41 3.88 -9.83
N SER A 46 14.99 3.73 -8.58
CA SER A 46 15.79 2.96 -7.64
C SER A 46 14.85 2.19 -6.72
N THR A 47 15.43 1.36 -5.84
CA THR A 47 14.62 0.51 -4.99
C THR A 47 15.23 0.45 -3.59
N THR A 48 14.38 0.28 -2.60
CA THR A 48 14.79 -0.04 -1.24
C THR A 48 14.41 -1.50 -0.96
N VAL A 49 15.42 -2.33 -0.76
CA VAL A 49 15.26 -3.75 -0.46
C VAL A 49 15.10 -3.86 1.05
N GLU A 50 13.96 -4.40 1.51
CA GLU A 50 13.55 -4.35 2.92
C GLU A 50 13.52 -5.76 3.51
N GLY A 51 14.38 -6.01 4.50
CA GLY A 51 14.47 -7.30 5.15
C GLY A 51 13.67 -7.41 6.44
N HIS A 52 13.25 -8.65 6.77
CA HIS A 52 12.38 -8.90 7.91
C HIS A 52 12.71 -10.26 8.51
N THR A 53 12.24 -10.48 9.73
CA THR A 53 12.39 -11.76 10.41
C THR A 53 11.07 -12.20 11.03
N ASP A 54 11.03 -13.47 11.45
CA ASP A 54 9.99 -13.85 12.38
C ASP A 54 10.43 -13.44 13.79
N SER A 55 9.58 -13.64 14.79
CA SER A 55 9.85 -13.04 16.10
C SER A 55 10.63 -13.96 17.04
N VAL A 56 11.19 -15.07 16.55
CA VAL A 56 12.03 -15.91 17.39
C VAL A 56 13.38 -15.21 17.59
N GLY A 57 13.76 -15.02 18.85
CA GLY A 57 15.01 -14.33 19.16
C GLY A 57 14.77 -12.88 19.54
N THR A 58 15.86 -12.23 19.93
CA THR A 58 15.77 -10.87 20.44
C THR A 58 15.57 -9.88 19.29
N ASP A 59 15.02 -8.72 19.64
CA ASP A 59 14.89 -7.65 18.65
C ASP A 59 16.24 -7.34 18.01
N ALA A 60 17.31 -7.30 18.82
CA ALA A 60 18.61 -6.92 18.28
C ALA A 60 19.16 -7.98 17.32
N TYR A 61 19.09 -9.25 17.70
CA TYR A 61 19.53 -10.31 16.77
C TYR A 61 18.79 -10.19 15.45
N ASN A 62 17.47 -10.04 15.52
CA ASN A 62 16.68 -10.04 14.31
C ASN A 62 16.90 -8.78 13.49
N GLN A 63 17.24 -7.66 14.12
CA GLN A 63 17.61 -6.48 13.33
C GLN A 63 18.79 -6.79 12.42
N LYS A 64 19.84 -7.41 12.97
CA LYS A 64 20.98 -7.75 12.12
C LYS A 64 20.64 -8.80 11.07
N LEU A 65 19.87 -9.83 11.44
CA LEU A 65 19.48 -10.85 10.48
C LEU A 65 18.69 -10.24 9.33
N SER A 66 17.75 -9.33 9.65
CA SER A 66 16.96 -8.70 8.61
C SER A 66 17.83 -7.92 7.65
N GLU A 67 18.91 -7.32 8.16
CA GLU A 67 19.82 -6.57 7.31
C GLU A 67 20.67 -7.51 6.44
N ARG A 68 21.07 -8.66 6.98
CA ARG A 68 21.77 -9.64 6.15
C ARG A 68 20.88 -10.15 5.01
N ARG A 69 19.59 -10.33 5.28
CA ARG A 69 18.70 -10.79 4.22
C ARG A 69 18.56 -9.74 3.12
N ALA A 70 18.37 -8.48 3.50
CA ALA A 70 18.24 -7.42 2.52
C ALA A 70 19.50 -7.29 1.67
N ASN A 71 20.66 -7.38 2.33
CA ASN A 71 21.92 -7.30 1.59
C ASN A 71 22.12 -8.49 0.67
N ALA A 72 21.63 -9.67 1.06
CA ALA A 72 21.74 -10.84 0.17
C ALA A 72 20.93 -10.66 -1.10
N VAL A 73 19.73 -10.09 -0.98
CA VAL A 73 18.94 -9.81 -2.18
C VAL A 73 19.58 -8.70 -2.99
N ARG A 74 20.11 -7.67 -2.32
CA ARG A 74 20.80 -6.60 -3.02
C ARG A 74 22.00 -7.15 -3.80
N ASP A 75 22.74 -8.09 -3.20
CA ASP A 75 23.88 -8.69 -3.90
C ASP A 75 23.45 -9.40 -5.18
N VAL A 76 22.28 -10.05 -5.18
CA VAL A 76 21.83 -10.69 -6.41
C VAL A 76 21.53 -9.64 -7.47
N LEU A 77 20.82 -8.58 -7.07
CA LEU A 77 20.45 -7.55 -8.02
C LEU A 77 21.68 -6.87 -8.62
N VAL A 78 22.68 -6.61 -7.79
CA VAL A 78 23.87 -5.85 -8.20
C VAL A 78 24.91 -6.76 -8.82
N ASN A 79 25.31 -7.82 -8.13
CA ASN A 79 26.40 -8.68 -8.60
C ASN A 79 25.93 -9.59 -9.74
N GLU A 80 24.79 -10.26 -9.57
CA GLU A 80 24.35 -11.22 -10.57
C GLU A 80 23.73 -10.55 -11.78
N TYR A 81 22.91 -9.51 -11.58
CA TYR A 81 22.15 -8.92 -12.67
C TYR A 81 22.60 -7.51 -13.04
N GLY A 82 23.63 -6.97 -12.39
CA GLY A 82 24.30 -5.78 -12.89
C GLY A 82 23.61 -4.45 -12.64
N VAL A 83 22.59 -4.40 -11.79
CA VAL A 83 22.01 -3.11 -11.44
C VAL A 83 23.03 -2.30 -10.65
N GLU A 84 23.12 -1.01 -10.97
CA GLU A 84 24.06 -0.13 -10.27
C GLU A 84 23.78 -0.14 -8.77
N GLY A 85 24.83 -0.35 -7.96
CA GLY A 85 24.65 -0.48 -6.53
C GLY A 85 24.06 0.74 -5.86
N GLY A 86 24.34 1.93 -6.40
CA GLY A 86 23.76 3.15 -5.87
C GLY A 86 22.27 3.26 -6.04
N ARG A 87 21.67 2.40 -6.87
CA ARG A 87 20.23 2.38 -7.09
C ARG A 87 19.50 1.38 -6.20
N VAL A 88 20.22 0.64 -5.37
CA VAL A 88 19.62 -0.42 -4.57
C VAL A 88 20.00 -0.15 -3.12
N ASN A 89 19.00 0.13 -2.28
CA ASN A 89 19.20 0.52 -0.88
C ASN A 89 18.71 -0.59 0.05
N ALA A 90 19.61 -1.21 0.79
CA ALA A 90 19.24 -2.33 1.65
C ALA A 90 19.03 -1.88 3.09
N VAL A 91 17.86 -2.20 3.65
CA VAL A 91 17.51 -1.84 5.01
C VAL A 91 16.77 -3.01 5.64
N GLY A 92 16.80 -3.06 6.97
CA GLY A 92 16.11 -4.10 7.70
C GLY A 92 15.20 -3.52 8.76
N TYR A 93 14.09 -4.22 8.98
CA TYR A 93 13.14 -3.85 10.04
C TYR A 93 13.07 -4.91 11.13
N GLY A 94 14.00 -5.85 11.15
CA GLY A 94 13.99 -6.89 12.18
C GLY A 94 12.68 -7.62 12.22
N GLU A 95 12.18 -7.83 13.43
CA GLU A 95 10.91 -8.52 13.65
C GLU A 95 9.74 -7.56 13.82
N SER A 96 9.92 -6.26 13.54
CA SER A 96 8.98 -5.24 13.99
C SER A 96 7.77 -5.07 13.08
N ARG A 97 7.77 -5.65 11.87
CA ARG A 97 6.69 -5.47 10.89
C ARG A 97 6.19 -6.82 10.37
N PRO A 98 5.53 -7.60 11.21
CA PRO A 98 4.97 -8.87 10.74
C PRO A 98 3.82 -8.67 9.76
N VAL A 99 3.73 -9.60 8.80
CA VAL A 99 2.57 -9.73 7.93
C VAL A 99 1.83 -11.03 8.16
N ALA A 100 2.25 -11.83 9.13
CA ALA A 100 1.57 -13.07 9.46
C ALA A 100 1.76 -13.30 10.95
N ASP A 101 1.06 -14.33 11.46
CA ASP A 101 1.04 -14.62 12.89
C ASP A 101 2.28 -15.40 13.29
N ASN A 102 3.10 -14.82 14.16
CA ASN A 102 4.30 -15.48 14.64
C ASN A 102 4.00 -16.66 15.56
N ALA A 103 2.73 -16.87 15.91
CA ALA A 103 2.37 -17.99 16.78
C ALA A 103 2.38 -19.33 16.07
N THR A 104 2.37 -19.35 14.74
CA THR A 104 2.36 -20.58 13.95
C THR A 104 3.63 -20.66 13.12
N ALA A 105 4.05 -21.89 12.82
CA ALA A 105 5.22 -22.07 11.96
C ALA A 105 4.97 -21.48 10.58
N GLU A 106 3.76 -21.64 10.04
CA GLU A 106 3.43 -21.10 8.73
C GLU A 106 3.51 -19.57 8.72
N GLY A 107 3.03 -18.92 9.78
CA GLY A 107 3.10 -17.47 9.86
C GLY A 107 4.52 -16.99 10.00
N ARG A 108 5.31 -17.65 10.84
CA ARG A 108 6.71 -17.30 10.98
C ARG A 108 7.44 -17.42 9.65
N ALA A 109 7.14 -18.48 8.87
CA ALA A 109 7.79 -18.64 7.56
C ALA A 109 7.45 -17.47 6.63
N ILE A 110 6.19 -17.05 6.62
CA ILE A 110 5.81 -15.91 5.78
C ILE A 110 6.56 -14.66 6.22
N ASN A 111 6.81 -14.51 7.51
CA ASN A 111 7.48 -13.29 8.01
C ASN A 111 8.97 -13.24 7.66
N ARG A 112 9.62 -14.39 7.49
CA ARG A 112 11.04 -14.45 7.13
C ARG A 112 11.18 -14.09 5.67
N ARG A 113 11.41 -12.81 5.39
CA ARG A 113 11.16 -12.34 4.04
C ARG A 113 11.95 -11.08 3.73
N VAL A 114 12.15 -10.86 2.44
CA VAL A 114 12.56 -9.57 1.90
C VAL A 114 11.49 -9.10 0.94
N GLU A 115 11.08 -7.84 1.05
CA GLU A 115 10.17 -7.21 0.10
C GLU A 115 10.92 -6.11 -0.64
N ALA A 116 10.66 -5.98 -1.92
CA ALA A 116 11.17 -4.81 -2.63
C ALA A 116 10.20 -4.44 -3.73
N GLU A 117 10.10 -3.14 -4.01
CA GLU A 117 9.27 -2.72 -5.13
C GLU A 117 9.98 -1.61 -5.91
N VAL A 118 9.58 -1.48 -7.18
CA VAL A 118 10.02 -0.37 -8.02
C VAL A 118 8.81 0.15 -8.76
N GLU A 119 8.73 1.47 -8.93
CA GLU A 119 7.68 2.09 -9.72
C GLU A 119 8.29 3.06 -10.72
N ALA A 120 7.60 3.24 -11.85
CA ALA A 120 7.99 4.20 -12.87
C ALA A 120 6.76 4.73 -13.59
N GLU A 121 6.91 5.93 -14.15
CA GLU A 121 5.85 6.59 -14.89
C GLU A 121 5.32 5.73 -16.01
N ALA A 122 3.98 5.76 -16.20
CA ALA A 122 3.32 4.94 -17.20
C ALA A 122 2.27 5.65 -18.07
N SER B 1 0.96 -22.41 -1.22
CA SER B 1 0.79 -21.12 -0.56
C SER B 1 0.06 -21.27 0.78
N ASN B 2 0.09 -20.23 1.61
CA ASN B 2 -0.54 -20.29 2.92
C ASN B 2 -1.24 -18.98 3.24
N ALA B 3 -2.34 -19.09 3.99
CA ALA B 3 -3.08 -17.94 4.47
C ALA B 3 -2.27 -17.16 5.50
N ALA B 4 -2.72 -15.94 5.80
CA ALA B 4 -2.02 -15.10 6.77
C ALA B 4 -2.94 -14.00 7.28
N VAL B 5 -2.64 -13.54 8.49
CA VAL B 5 -3.31 -12.38 9.07
C VAL B 5 -2.32 -11.69 10.01
N ALA B 6 -2.36 -10.36 10.04
CA ALA B 6 -1.51 -9.60 10.96
C ALA B 6 -2.14 -8.25 11.24
N GLU B 7 -1.84 -7.73 12.42
CA GLU B 7 -2.34 -6.43 12.88
C GLU B 7 -1.14 -5.59 13.31
N VAL B 8 -1.05 -4.37 12.78
CA VAL B 8 0.03 -3.47 13.11
C VAL B 8 -0.53 -2.07 13.36
N VAL B 9 0.25 -1.27 14.06
CA VAL B 9 0.00 0.16 14.14
CA VAL B 9 0.01 0.16 14.15
C VAL B 9 0.96 0.84 13.16
N ARG B 10 0.47 1.86 12.46
CA ARG B 10 1.25 2.48 11.40
C ARG B 10 1.12 3.99 11.43
N VAL B 11 2.24 4.69 11.34
CA VAL B 11 2.25 6.13 11.14
CA VAL B 11 2.26 6.13 11.13
C VAL B 11 2.79 6.40 9.73
N GLN B 12 2.08 7.24 8.98
CA GLN B 12 2.49 7.62 7.62
C GLN B 12 2.60 9.14 7.54
N LEU B 13 3.77 9.61 7.10
CA LEU B 13 4.12 11.02 7.03
C LEU B 13 4.34 11.45 5.59
N ASP B 14 3.85 12.64 5.24
CA ASP B 14 3.96 13.21 3.90
C ASP B 14 4.35 14.67 4.08
N VAL B 15 5.58 15.02 3.73
CA VAL B 15 6.11 16.37 3.88
C VAL B 15 6.23 16.97 2.49
N LYS B 16 5.72 18.19 2.30
CA LYS B 16 5.82 18.85 0.99
C LYS B 16 6.91 19.91 0.97
N PHE B 17 7.50 20.13 -0.20
CA PHE B 17 8.59 21.08 -0.37
C PHE B 17 8.29 22.14 -1.42
N ASP B 18 8.83 23.34 -1.21
CA ASP B 18 8.73 24.37 -2.23
C ASP B 18 9.67 24.07 -3.39
N PHE B 19 9.38 24.67 -4.55
CA PHE B 19 10.13 24.42 -5.76
C PHE B 19 11.62 24.65 -5.57
N ASP B 20 12.41 23.66 -5.95
CA ASP B 20 13.88 23.65 -5.87
C ASP B 20 14.41 23.86 -4.44
N LYS B 21 13.60 23.56 -3.47
CA LYS B 21 14.04 23.64 -2.09
C LYS B 21 14.06 22.30 -1.37
N SER B 22 15.02 22.14 -0.45
CA SER B 22 15.03 20.99 0.44
C SER B 22 14.79 21.41 1.89
N LYS B 23 14.33 22.64 2.09
CA LYS B 23 14.03 23.14 3.43
C LYS B 23 12.80 22.45 4.00
N VAL B 24 12.89 22.00 5.24
CA VAL B 24 11.70 21.50 5.92
C VAL B 24 10.83 22.69 6.29
N LYS B 25 9.60 22.70 5.78
CA LYS B 25 8.72 23.83 6.01
C LYS B 25 8.17 23.82 7.43
N GLU B 26 7.80 25.01 7.90
CA GLU B 26 7.45 25.16 9.31
C GLU B 26 6.32 24.24 9.73
N ASN B 27 5.27 24.14 8.92
CA ASN B 27 4.11 23.36 9.31
C ASN B 27 4.40 21.86 9.38
N SER B 28 5.50 21.40 8.81
CA SER B 28 5.78 19.96 8.81
C SER B 28 6.58 19.50 10.02
N TYR B 29 7.10 20.42 10.84
CA TYR B 29 7.86 19.98 12.01
C TYR B 29 6.98 19.17 12.97
N ALA B 30 5.76 19.64 13.22
CA ALA B 30 4.88 18.90 14.12
C ALA B 30 4.54 17.53 13.57
N ASP B 31 4.39 17.42 12.24
CA ASP B 31 4.14 16.12 11.62
C ASP B 31 5.33 15.19 11.80
N ILE B 32 6.53 15.69 11.55
CA ILE B 32 7.73 14.89 11.78
C ILE B 32 7.82 14.49 13.25
N LYS B 33 7.46 15.39 14.17
CA LYS B 33 7.54 15.05 15.60
C LYS B 33 6.62 13.90 15.96
N ASN B 34 5.43 13.84 15.35
CA ASN B 34 4.55 12.71 15.58
C ASN B 34 5.21 11.39 15.18
N LEU B 35 5.94 11.39 14.06
CA LEU B 35 6.65 10.18 13.67
C LEU B 35 7.76 9.85 14.66
N ALA B 36 8.50 10.87 15.11
CA ALA B 36 9.54 10.64 16.10
C ALA B 36 8.96 10.07 17.38
N ASP B 37 7.84 10.62 17.84
CA ASP B 37 7.21 10.14 19.07
C ASP B 37 6.80 8.67 18.93
N PHE B 38 6.26 8.29 17.78
CA PHE B 38 5.96 6.89 17.52
C PHE B 38 7.22 6.03 17.66
N MET B 39 8.36 6.48 17.11
CA MET B 39 9.57 5.70 17.18
C MET B 39 10.10 5.59 18.61
N LYS B 40 9.83 6.59 19.44
CA LYS B 40 10.21 6.48 20.85
C LYS B 40 9.28 5.53 21.61
N GLN B 41 8.00 5.47 21.21
CA GLN B 41 7.05 4.57 21.84
C GLN B 41 7.34 3.11 21.49
N TYR B 42 7.85 2.85 20.29
CA TYR B 42 8.13 1.51 19.78
C TYR B 42 9.61 1.45 19.42
N PRO B 43 10.49 1.20 20.41
CA PRO B 43 11.93 1.40 20.19
C PRO B 43 12.58 0.41 19.23
N SER B 44 11.94 -0.71 18.90
CA SER B 44 12.52 -1.66 17.94
C SER B 44 12.29 -1.27 16.49
N THR B 45 11.49 -0.25 16.25
CA THR B 45 11.11 0.09 14.88
C THR B 45 12.21 0.92 14.21
N SER B 46 12.14 1.02 12.90
CA SER B 46 13.02 1.91 12.17
C SER B 46 12.26 2.42 10.95
N THR B 47 12.83 3.39 10.26
CA THR B 47 12.13 4.00 9.13
C THR B 47 13.09 4.32 8.00
N THR B 48 12.55 4.30 6.79
CA THR B 48 13.25 4.78 5.60
C THR B 48 12.54 6.05 5.13
N VAL B 49 13.25 7.17 5.17
CA VAL B 49 12.72 8.44 4.72
C VAL B 49 12.98 8.55 3.22
N GLU B 50 11.92 8.77 2.45
CA GLU B 50 11.96 8.63 0.99
C GLU B 50 11.66 9.96 0.33
N GLY B 51 12.62 10.50 -0.40
CA GLY B 51 12.48 11.80 -1.05
C GLY B 51 12.15 11.72 -2.53
N HIS B 52 11.46 12.76 -3.02
CA HIS B 52 10.93 12.81 -4.38
C HIS B 52 10.98 14.23 -4.90
N THR B 53 10.82 14.36 -6.22
CA THR B 53 10.77 15.66 -6.90
C THR B 53 9.62 15.67 -7.92
N ASP B 54 9.28 16.88 -8.36
CA ASP B 54 8.54 16.99 -9.61
C ASP B 54 9.51 16.83 -10.77
N SER B 55 8.98 16.82 -12.00
CA SER B 55 9.78 16.41 -13.15
C SER B 55 10.48 17.58 -13.87
N VAL B 56 10.42 18.79 -13.32
CA VAL B 56 11.19 19.90 -13.88
C VAL B 56 12.67 19.67 -13.62
N GLY B 57 13.50 19.76 -14.66
CA GLY B 57 14.93 19.56 -14.55
C GLY B 57 15.33 18.13 -14.92
N THR B 58 16.64 17.89 -14.93
CA THR B 58 17.13 16.60 -15.37
C THR B 58 16.93 15.53 -14.29
N ASP B 59 16.95 14.28 -14.74
CA ASP B 59 16.86 13.16 -13.80
C ASP B 59 17.97 13.24 -12.77
N ALA B 60 19.19 13.55 -13.20
CA ALA B 60 20.34 13.57 -12.30
C ALA B 60 20.22 14.71 -11.28
N TYR B 61 19.80 15.89 -11.73
CA TYR B 61 19.54 16.99 -10.79
C TYR B 61 18.52 16.55 -9.75
N ASN B 62 17.44 15.94 -10.20
CA ASN B 62 16.35 15.60 -9.30
C ASN B 62 16.69 14.43 -8.39
N GLN B 63 17.52 13.48 -8.84
CA GLN B 63 18.01 12.45 -7.93
C GLN B 63 18.70 13.07 -6.73
N LYS B 64 19.61 14.01 -6.97
CA LYS B 64 20.32 14.66 -5.86
C LYS B 64 19.38 15.50 -5.00
N LEU B 65 18.48 16.27 -5.62
CA LEU B 65 17.52 17.05 -4.84
C LEU B 65 16.65 16.15 -3.97
N SER B 66 16.20 15.01 -4.50
CA SER B 66 15.38 14.10 -3.72
C SER B 66 16.12 13.58 -2.51
N GLU B 67 17.43 13.36 -2.64
CA GLU B 67 18.24 12.93 -1.51
C GLU B 67 18.44 14.06 -0.50
N ARG B 68 18.62 15.28 -0.98
CA ARG B 68 18.71 16.41 -0.05
C ARG B 68 17.43 16.54 0.77
N ARG B 69 16.27 16.31 0.13
CA ARG B 69 15.01 16.38 0.87
C ARG B 69 14.92 15.28 1.92
N ALA B 70 15.23 14.05 1.53
CA ALA B 70 15.16 12.95 2.50
C ALA B 70 16.11 13.19 3.66
N ASN B 71 17.33 13.64 3.37
CA ASN B 71 18.28 13.90 4.44
C ASN B 71 17.85 15.05 5.33
N ALA B 72 17.15 16.05 4.78
CA ALA B 72 16.70 17.15 5.63
C ALA B 72 15.69 16.67 6.65
N VAL B 73 14.76 15.80 6.23
CA VAL B 73 13.80 15.24 7.16
C VAL B 73 14.49 14.31 8.16
N ARG B 74 15.40 13.45 7.68
CA ARG B 74 16.16 12.59 8.58
C ARG B 74 16.91 13.41 9.62
N ASP B 75 17.51 14.53 9.20
CA ASP B 75 18.32 15.33 10.13
C ASP B 75 17.46 15.88 11.26
N VAL B 76 16.22 16.25 10.97
CA VAL B 76 15.30 16.71 12.02
C VAL B 76 15.02 15.57 12.99
N LEU B 77 14.70 14.38 12.46
CA LEU B 77 14.36 13.23 13.29
C LEU B 77 15.48 12.85 14.25
N VAL B 78 16.72 12.82 13.75
CA VAL B 78 17.82 12.25 14.52
C VAL B 78 18.59 13.30 15.32
N ASN B 79 18.27 14.57 15.17
CA ASN B 79 18.95 15.60 15.96
C ASN B 79 17.94 16.28 16.87
N GLU B 80 17.14 17.19 16.32
CA GLU B 80 16.16 17.92 17.13
C GLU B 80 15.24 16.97 17.92
N TYR B 81 14.76 15.89 17.29
CA TYR B 81 13.78 15.03 17.93
C TYR B 81 14.40 13.76 18.51
N GLY B 82 15.71 13.60 18.44
CA GLY B 82 16.41 12.66 19.30
C GLY B 82 16.29 11.19 18.94
N VAL B 83 15.91 10.84 17.72
CA VAL B 83 15.86 9.43 17.33
C VAL B 83 17.28 8.97 17.00
N GLU B 84 17.64 7.77 17.46
CA GLU B 84 18.98 7.26 17.18
C GLU B 84 19.20 7.19 15.68
N GLY B 85 20.38 7.67 15.24
CA GLY B 85 20.65 7.78 13.82
C GLY B 85 20.61 6.46 13.07
N GLY B 86 21.00 5.37 13.73
CA GLY B 86 20.93 4.07 13.08
C GLY B 86 19.53 3.58 12.77
N ARG B 87 18.50 4.21 13.35
CA ARG B 87 17.12 3.83 13.14
C ARG B 87 16.46 4.54 11.96
N VAL B 88 17.16 5.47 11.31
CA VAL B 88 16.56 6.27 10.25
C VAL B 88 17.46 6.22 9.03
N ASN B 89 16.90 5.76 7.92
CA ASN B 89 17.56 5.69 6.63
C ASN B 89 17.00 6.77 5.73
N ALA B 90 17.82 7.29 4.82
CA ALA B 90 17.37 8.32 3.88
C ALA B 90 17.71 7.89 2.46
N VAL B 91 16.70 7.91 1.59
CA VAL B 91 16.85 7.49 0.19
CA VAL B 91 16.87 7.51 0.18
C VAL B 91 16.05 8.45 -0.68
N GLY B 92 16.47 8.60 -1.92
CA GLY B 92 15.77 9.43 -2.88
C GLY B 92 15.41 8.65 -4.13
N TYR B 93 14.24 8.97 -4.70
CA TYR B 93 13.78 8.38 -5.94
C TYR B 93 13.74 9.39 -7.07
N GLY B 94 14.28 10.59 -6.84
CA GLY B 94 14.29 11.62 -7.89
C GLY B 94 12.88 11.90 -8.38
N GLU B 95 12.74 12.03 -9.70
CA GLU B 95 11.43 12.28 -10.29
C GLU B 95 10.71 11.01 -10.72
N SER B 96 11.23 9.84 -10.34
CA SER B 96 10.82 8.59 -10.98
C SER B 96 9.48 8.03 -10.49
N ARG B 97 8.95 8.49 -9.35
CA ARG B 97 7.74 7.93 -8.74
C ARG B 97 6.70 9.01 -8.48
N PRO B 98 6.05 9.53 -9.52
CA PRO B 98 5.02 10.53 -9.29
C PRO B 98 3.79 9.94 -8.63
N VAL B 99 3.15 10.75 -7.80
CA VAL B 99 1.83 10.45 -7.27
C VAL B 99 0.78 11.40 -7.79
N ALA B 100 1.18 12.35 -8.62
CA ALA B 100 0.26 13.31 -9.22
C ALA B 100 0.80 13.73 -10.58
N ASP B 101 -0.01 14.50 -11.31
CA ASP B 101 0.28 14.85 -12.69
C ASP B 101 1.31 15.97 -12.73
N ASN B 102 2.48 15.68 -13.28
CA ASN B 102 3.49 16.72 -13.43
C ASN B 102 3.10 17.78 -14.45
N ALA B 103 2.03 17.57 -15.20
CA ALA B 103 1.61 18.56 -16.17
C ALA B 103 0.92 19.77 -15.54
N THR B 104 0.56 19.70 -14.26
CA THR B 104 -0.10 20.80 -13.57
C THR B 104 0.77 21.28 -12.42
N ALA B 105 0.61 22.56 -12.07
CA ALA B 105 1.32 23.11 -10.91
C ALA B 105 0.93 22.39 -9.63
N GLU B 106 -0.36 22.11 -9.46
CA GLU B 106 -0.83 21.40 -8.26
C GLU B 106 -0.24 20.00 -8.18
N GLY B 107 -0.16 19.30 -9.31
CA GLY B 107 0.41 17.97 -9.29
C GLY B 107 1.89 18.00 -8.98
N ARG B 108 2.63 18.91 -9.59
CA ARG B 108 4.05 19.04 -9.29
C ARG B 108 4.27 19.35 -7.81
N ALA B 109 3.42 20.20 -7.23
CA ALA B 109 3.55 20.50 -5.80
C ALA B 109 3.36 19.25 -4.96
N ILE B 110 2.37 18.43 -5.29
CA ILE B 110 2.17 17.19 -4.54
C ILE B 110 3.37 16.27 -4.70
N ASN B 111 4.00 16.28 -5.87
CA ASN B 111 5.13 15.39 -6.12
C ASN B 111 6.39 15.80 -5.35
N ARG B 112 6.51 17.07 -4.99
CA ARG B 112 7.70 17.56 -4.27
C ARG B 112 7.53 17.19 -2.81
N ARG B 113 8.02 16.00 -2.43
CA ARG B 113 7.61 15.42 -1.16
C ARG B 113 8.68 14.50 -0.59
N VAL B 114 8.58 14.30 0.72
CA VAL B 114 9.19 13.19 1.45
C VAL B 114 8.06 12.36 2.05
N GLU B 115 8.16 11.04 1.89
CA GLU B 115 7.25 10.11 2.54
C GLU B 115 8.04 9.27 3.54
N ALA B 116 7.43 8.98 4.68
CA ALA B 116 8.01 8.03 5.60
C ALA B 116 6.90 7.31 6.32
N GLU B 117 7.15 6.04 6.65
CA GLU B 117 6.20 5.32 7.47
C GLU B 117 6.96 4.45 8.47
N VAL B 118 6.30 4.21 9.60
CA VAL B 118 6.80 3.28 10.61
C VAL B 118 5.65 2.36 10.99
N GLU B 119 5.96 1.07 11.17
CA GLU B 119 4.97 0.09 11.58
C GLU B 119 5.48 -0.66 12.79
N ALA B 120 4.55 -1.04 13.67
CA ALA B 120 4.86 -1.87 14.82
C ALA B 120 3.70 -2.81 15.07
N GLU B 121 4.00 -3.98 15.62
CA GLU B 121 2.95 -4.97 15.81
C GLU B 121 1.91 -4.49 16.82
N ALA B 122 0.65 -4.78 16.52
CA ALA B 122 -0.46 -4.56 17.44
C ALA B 122 -1.08 -5.92 17.83
N SER C 1 -1.99 22.72 1.16
CA SER C 1 -1.11 21.68 0.66
C SER C 1 -1.64 20.34 1.12
N ASN C 2 -1.05 19.26 0.61
CA ASN C 2 -1.44 17.92 0.99
C ASN C 2 -0.49 17.32 2.05
N ALA C 3 0.34 18.15 2.68
CA ALA C 3 1.20 17.64 3.74
C ALA C 3 0.37 17.08 4.89
N ALA C 4 0.78 15.93 5.42
CA ALA C 4 -0.08 15.24 6.36
C ALA C 4 0.70 14.23 7.19
N VAL C 5 0.12 13.86 8.34
CA VAL C 5 0.55 12.72 9.12
C VAL C 5 -0.68 12.08 9.74
N ALA C 6 -0.64 10.75 9.88
CA ALA C 6 -1.75 10.05 10.52
C ALA C 6 -1.26 8.72 11.04
N GLU C 7 -1.90 8.27 12.11
CA GLU C 7 -1.61 6.97 12.72
C GLU C 7 -2.87 6.13 12.68
N VAL C 8 -2.76 4.91 12.17
CA VAL C 8 -3.89 3.98 12.18
C VAL C 8 -3.44 2.62 12.71
N VAL C 9 -4.43 1.84 13.12
CA VAL C 9 -4.24 0.42 13.39
CA VAL C 9 -4.22 0.41 13.38
C VAL C 9 -4.86 -0.35 12.23
N ARG C 10 -4.17 -1.38 11.74
CA ARG C 10 -4.59 -2.08 10.54
C ARG C 10 -4.47 -3.58 10.72
N VAL C 11 -5.50 -4.30 10.32
N VAL C 11 -5.51 -4.29 10.32
CA VAL C 11 -5.45 -5.76 10.22
CA VAL C 11 -5.51 -5.74 10.19
C VAL C 11 -5.56 -6.12 8.74
C VAL C 11 -5.53 -6.07 8.71
N GLN C 12 -4.72 -7.06 8.30
CA GLN C 12 -4.69 -7.50 6.90
C GLN C 12 -4.78 -9.01 6.86
N LEU C 13 -5.69 -9.52 6.02
CA LEU C 13 -6.03 -10.93 5.91
C LEU C 13 -5.78 -11.42 4.49
N ASP C 14 -5.26 -12.65 4.36
CA ASP C 14 -4.98 -13.27 3.07
C ASP C 14 -5.42 -14.73 3.20
N VAL C 15 -6.43 -15.14 2.45
CA VAL C 15 -6.98 -16.50 2.50
C VAL C 15 -6.74 -17.16 1.14
N LYS C 16 -6.23 -18.39 1.15
CA LYS C 16 -5.89 -19.07 -0.09
C LYS C 16 -6.94 -20.14 -0.44
N PHE C 17 -7.12 -20.38 -1.73
CA PHE C 17 -8.15 -21.31 -2.21
C PHE C 17 -7.56 -22.36 -3.12
N ASP C 18 -8.22 -23.53 -3.15
CA ASP C 18 -7.85 -24.58 -4.09
C ASP C 18 -8.36 -24.26 -5.50
N PHE C 19 -7.76 -24.91 -6.49
CA PHE C 19 -8.08 -24.66 -7.88
C PHE C 19 -9.56 -24.87 -8.18
N ASP C 20 -10.19 -23.84 -8.77
CA ASP C 20 -11.61 -23.85 -9.13
C ASP C 20 -12.54 -24.01 -7.93
N LYS C 21 -12.07 -23.71 -6.72
CA LYS C 21 -12.90 -23.81 -5.53
C LYS C 21 -12.99 -22.47 -4.81
N SER C 22 -14.15 -22.23 -4.21
CA SER C 22 -14.38 -21.07 -3.34
C SER C 22 -14.63 -21.48 -1.90
N LYS C 23 -14.25 -22.70 -1.54
CA LYS C 23 -14.42 -23.20 -0.17
C LYS C 23 -13.38 -22.56 0.74
N VAL C 24 -13.84 -21.92 1.82
CA VAL C 24 -12.94 -21.43 2.84
C VAL C 24 -12.47 -22.61 3.68
N LYS C 25 -11.17 -22.86 3.68
CA LYS C 25 -10.62 -24.00 4.40
C LYS C 25 -10.69 -23.77 5.90
N GLU C 26 -10.78 -24.88 6.64
CA GLU C 26 -10.92 -24.78 8.09
C GLU C 26 -9.75 -24.03 8.71
N ASN C 27 -8.54 -24.24 8.19
CA ASN C 27 -7.36 -23.60 8.74
C ASN C 27 -7.40 -22.08 8.63
N SER C 28 -8.30 -21.52 7.82
CA SER C 28 -8.37 -20.08 7.61
C SER C 28 -9.42 -19.39 8.47
N TYR C 29 -10.28 -20.15 9.15
CA TYR C 29 -11.31 -19.55 9.98
C TYR C 29 -10.70 -18.72 11.10
N ALA C 30 -9.61 -19.20 11.69
CA ALA C 30 -8.94 -18.45 12.76
C ALA C 30 -8.48 -17.08 12.29
N ASP C 31 -7.89 -17.02 11.09
CA ASP C 31 -7.45 -15.75 10.55
C ASP C 31 -8.62 -14.81 10.31
N ILE C 32 -9.71 -15.33 9.75
CA ILE C 32 -10.90 -14.51 9.52
C ILE C 32 -11.46 -14.01 10.84
N LYS C 33 -11.40 -14.85 11.89
CA LYS C 33 -11.91 -14.43 13.18
C LYS C 33 -11.11 -13.26 13.75
N ASN C 34 -9.79 -13.25 13.53
CA ASN C 34 -8.99 -12.12 13.98
C ASN C 34 -9.50 -10.82 13.38
N LEU C 35 -9.85 -10.84 12.09
CA LEU C 35 -10.37 -9.62 11.46
C LEU C 35 -11.75 -9.27 12.01
N ALA C 36 -12.57 -10.30 12.28
CA ALA C 36 -13.87 -10.03 12.89
C ALA C 36 -13.73 -9.41 14.28
N ASP C 37 -12.81 -9.93 15.09
CA ASP C 37 -12.60 -9.39 16.44
C ASP C 37 -12.17 -7.92 16.38
N PHE C 38 -11.30 -7.58 15.43
CA PHE C 38 -10.93 -6.19 15.21
C PHE C 38 -12.16 -5.33 14.94
N MET C 39 -13.04 -5.79 14.06
CA MET C 39 -14.21 -5.00 13.71
C MET C 39 -15.16 -4.82 14.90
N LYS C 40 -15.15 -5.74 15.86
CA LYS C 40 -16.00 -5.58 17.03
C LYS C 40 -15.45 -4.53 18.00
N GLN C 41 -14.12 -4.46 18.15
CA GLN C 41 -13.53 -3.48 19.06
C GLN C 41 -13.45 -2.08 18.45
N TYR C 42 -13.60 -1.97 17.13
CA TYR C 42 -13.61 -0.68 16.42
C TYR C 42 -14.89 -0.65 15.58
N PRO C 43 -16.02 -0.27 16.20
CA PRO C 43 -17.32 -0.49 15.55
C PRO C 43 -17.62 0.41 14.36
N SER C 44 -16.91 1.52 14.17
CA SER C 44 -17.19 2.38 13.03
C SER C 44 -16.47 1.94 11.76
N THR C 45 -15.68 0.88 11.82
CA THR C 45 -14.92 0.43 10.67
C THR C 45 -15.78 -0.41 9.74
N SER C 46 -15.30 -0.56 8.50
CA SER C 46 -15.85 -1.55 7.59
C SER C 46 -14.71 -2.07 6.72
N THR C 47 -15.02 -3.10 5.93
CA THR C 47 -13.99 -3.77 5.14
C THR C 47 -14.54 -4.12 3.76
N THR C 48 -13.64 -4.13 2.79
CA THR C 48 -13.94 -4.64 1.46
C THR C 48 -13.19 -5.96 1.29
N VAL C 49 -13.94 -7.03 1.07
CA VAL C 49 -13.38 -8.37 0.87
C VAL C 49 -13.12 -8.54 -0.62
N GLU C 50 -11.86 -8.76 -1.00
CA GLU C 50 -11.43 -8.70 -2.39
C GLU C 50 -11.00 -10.08 -2.86
N GLY C 51 -11.74 -10.62 -3.85
CA GLY C 51 -11.48 -11.94 -4.39
C GLY C 51 -10.65 -11.92 -5.66
N HIS C 52 -9.89 -13.00 -5.86
CA HIS C 52 -8.90 -13.12 -6.94
C HIS C 52 -8.80 -14.56 -7.44
N THR C 53 -8.26 -14.71 -8.65
CA THR C 53 -8.02 -16.03 -9.24
C THR C 53 -6.62 -16.12 -9.81
N ASP C 54 -6.20 -17.34 -10.13
CA ASP C 54 -5.09 -17.45 -11.07
C ASP C 54 -5.61 -17.28 -12.49
N SER C 55 -4.70 -17.25 -13.46
CA SER C 55 -5.07 -16.88 -14.82
C SER C 55 -5.52 -18.04 -15.68
N VAL C 56 -5.64 -19.25 -15.12
CA VAL C 56 -6.19 -20.36 -15.90
C VAL C 56 -7.67 -20.12 -16.11
N GLY C 57 -8.14 -20.25 -17.34
CA GLY C 57 -9.54 -20.01 -17.67
C GLY C 57 -9.77 -18.63 -18.25
N THR C 58 -11.03 -18.37 -18.59
CA THR C 58 -11.37 -17.11 -19.24
C THR C 58 -11.53 -15.99 -18.22
N ASP C 59 -11.37 -14.75 -18.68
CA ASP C 59 -11.58 -13.60 -17.80
C ASP C 59 -12.98 -13.64 -17.17
N ALA C 60 -14.01 -13.92 -17.98
CA ALA C 60 -15.38 -13.89 -17.47
C ALA C 60 -15.62 -14.96 -16.42
N TYR C 61 -15.12 -16.17 -16.65
CA TYR C 61 -15.26 -17.24 -15.66
C TYR C 61 -14.56 -16.85 -14.36
N ASN C 62 -13.34 -16.32 -14.47
CA ASN C 62 -12.59 -15.99 -13.26
C ASN C 62 -13.17 -14.79 -12.53
N GLN C 63 -13.80 -13.86 -13.25
CA GLN C 63 -14.52 -12.79 -12.57
C GLN C 63 -15.57 -13.36 -11.62
N LYS C 64 -16.38 -14.30 -12.11
CA LYS C 64 -17.43 -14.85 -11.26
C LYS C 64 -16.85 -15.68 -10.11
N LEU C 65 -15.81 -16.49 -10.41
CA LEU C 65 -15.17 -17.28 -9.36
C LEU C 65 -14.57 -16.38 -8.29
N SER C 66 -13.97 -15.26 -8.69
CA SER C 66 -13.41 -14.35 -7.69
C SER C 66 -14.51 -13.77 -6.80
N GLU C 67 -15.71 -13.59 -7.35
CA GLU C 67 -16.83 -13.10 -6.56
C GLU C 67 -17.35 -14.17 -5.61
N ARG C 68 -17.40 -15.43 -6.04
CA ARG C 68 -17.77 -16.50 -5.13
C ARG C 68 -16.78 -16.60 -3.97
N ARG C 69 -15.48 -16.40 -4.25
CA ARG C 69 -14.48 -16.44 -3.20
C ARG C 69 -14.67 -15.32 -2.19
N ALA C 70 -14.84 -14.09 -2.68
CA ALA C 70 -15.07 -12.96 -1.77
C ALA C 70 -16.35 -13.16 -0.97
N ASN C 71 -17.41 -13.67 -1.61
CA ASN C 71 -18.67 -13.91 -0.92
C ASN C 71 -18.52 -14.96 0.17
N ALA C 72 -17.74 -16.00 -0.11
CA ALA C 72 -17.50 -17.05 0.89
C ALA C 72 -16.83 -16.50 2.13
N VAL C 73 -15.85 -15.60 1.96
CA VAL C 73 -15.18 -15.03 3.11
C VAL C 73 -16.11 -14.07 3.84
N ARG C 74 -16.86 -13.28 3.08
CA ARG C 74 -17.87 -12.42 3.68
C ARG C 74 -18.84 -13.22 4.53
N ASP C 75 -19.25 -14.39 4.04
CA ASP C 75 -20.24 -15.20 4.76
C ASP C 75 -19.69 -15.66 6.11
N VAL C 76 -18.40 -16.00 6.16
CA VAL C 76 -17.79 -16.36 7.44
C VAL C 76 -17.81 -15.17 8.39
N LEU C 77 -17.39 -14.00 7.88
CA LEU C 77 -17.34 -12.81 8.72
C LEU C 77 -18.71 -12.45 9.29
N VAL C 78 -19.73 -12.55 8.46
CA VAL C 78 -21.06 -12.06 8.81
C VAL C 78 -21.88 -13.14 9.53
N ASN C 79 -21.93 -14.34 8.98
CA ASN C 79 -22.77 -15.40 9.54
C ASN C 79 -22.11 -16.18 10.67
N GLU C 80 -20.80 -16.41 10.59
CA GLU C 80 -20.11 -17.22 11.59
C GLU C 80 -19.54 -16.38 12.73
N TYR C 81 -19.13 -15.15 12.47
CA TYR C 81 -18.49 -14.33 13.50
C TYR C 81 -19.25 -13.04 13.79
N GLY C 82 -20.44 -12.87 13.23
CA GLY C 82 -21.36 -11.86 13.73
C GLY C 82 -21.10 -10.43 13.32
N VAL C 83 -20.30 -10.20 12.29
CA VAL C 83 -20.13 -8.84 11.78
C VAL C 83 -21.37 -8.44 10.99
N GLU C 84 -21.90 -7.26 11.29
CA GLU C 84 -23.06 -6.74 10.60
C GLU C 84 -22.82 -6.71 9.09
N GLY C 85 -23.80 -7.23 8.33
CA GLY C 85 -23.61 -7.39 6.89
C GLY C 85 -23.27 -6.11 6.16
N GLY C 86 -23.85 -4.98 6.58
CA GLY C 86 -23.58 -3.72 5.93
C GLY C 86 -22.14 -3.25 6.03
N ARG C 87 -21.40 -3.78 7.01
CA ARG C 87 -20.01 -3.40 7.22
C ARG C 87 -19.03 -4.17 6.35
N VAL C 88 -19.52 -5.13 5.56
CA VAL C 88 -18.67 -6.01 4.77
C VAL C 88 -19.12 -5.90 3.32
N ASN C 89 -18.19 -5.54 2.44
CA ASN C 89 -18.46 -5.41 1.01
C ASN C 89 -17.60 -6.43 0.27
N ALA C 90 -18.23 -7.20 -0.61
CA ALA C 90 -17.52 -8.21 -1.38
C ALA C 90 -17.36 -7.77 -2.83
N VAL C 91 -16.14 -7.89 -3.36
CA VAL C 91 -15.84 -7.52 -4.74
C VAL C 91 -14.83 -8.53 -5.28
N GLY C 92 -14.92 -8.78 -6.58
CA GLY C 92 -13.99 -9.67 -7.26
C GLY C 92 -13.19 -8.92 -8.32
N TYR C 93 -11.91 -9.25 -8.44
CA TYR C 93 -11.08 -8.69 -9.50
C TYR C 93 -10.66 -9.74 -10.53
N GLY C 94 -11.26 -10.93 -10.48
CA GLY C 94 -10.90 -11.96 -11.46
C GLY C 94 -9.41 -12.26 -11.42
N GLU C 95 -8.80 -12.39 -12.60
CA GLU C 95 -7.39 -12.68 -12.71
C GLU C 95 -6.55 -11.43 -12.93
N SER C 96 -7.14 -10.24 -12.76
CA SER C 96 -6.52 -9.00 -13.22
C SER C 96 -5.43 -8.46 -12.28
N ARG C 97 -5.34 -8.93 -11.04
CA ARG C 97 -4.42 -8.39 -10.05
C ARG C 97 -3.55 -9.47 -9.41
N PRO C 98 -2.69 -10.12 -10.19
CA PRO C 98 -1.82 -11.14 -9.60
C PRO C 98 -0.79 -10.54 -8.66
N VAL C 99 -0.44 -11.31 -7.63
CA VAL C 99 0.75 -11.01 -6.81
C VAL C 99 1.92 -11.93 -7.15
N ALA C 100 1.68 -12.99 -7.92
CA ALA C 100 2.72 -13.96 -8.23
C ALA C 100 2.63 -14.36 -9.70
N ASP C 101 3.66 -15.06 -10.18
CA ASP C 101 3.74 -15.46 -11.58
C ASP C 101 2.81 -16.63 -11.85
N ASN C 102 1.83 -16.42 -12.72
CA ASN C 102 0.90 -17.48 -13.10
C ASN C 102 1.55 -18.56 -13.93
N ALA C 103 2.80 -18.38 -14.36
CA ALA C 103 3.46 -19.43 -15.12
C ALA C 103 3.79 -20.66 -14.28
N THR C 104 3.85 -20.53 -12.96
CA THR C 104 4.24 -21.62 -12.09
C THR C 104 3.08 -22.07 -11.19
N ALA C 105 3.10 -23.35 -10.82
CA ALA C 105 2.09 -23.86 -9.91
C ALA C 105 2.14 -23.13 -8.57
N GLU C 106 3.34 -22.82 -8.08
CA GLU C 106 3.47 -22.07 -6.83
C GLU C 106 2.84 -20.68 -6.96
N GLY C 107 3.08 -20.01 -8.08
CA GLY C 107 2.52 -18.68 -8.24
C GLY C 107 1.01 -18.69 -8.35
N ARG C 108 0.46 -19.64 -9.10
CA ARG C 108 -0.99 -19.71 -9.24
C ARG C 108 -1.65 -19.97 -7.89
N ALA C 109 -1.03 -20.81 -7.05
CA ALA C 109 -1.58 -21.05 -5.73
C ALA C 109 -1.58 -19.80 -4.87
N ILE C 110 -0.54 -18.97 -5.00
CA ILE C 110 -0.53 -17.70 -4.26
C ILE C 110 -1.62 -16.78 -4.78
N ASN C 111 -1.92 -16.80 -6.09
CA ASN C 111 -2.88 -15.87 -6.67
C ASN C 111 -4.32 -16.24 -6.35
N ARG C 112 -4.61 -17.53 -6.10
CA ARG C 112 -5.96 -17.97 -5.73
C ARG C 112 -6.24 -17.55 -4.29
N ARG C 113 -6.85 -16.37 -4.11
CA ARG C 113 -6.84 -15.77 -2.79
C ARG C 113 -8.00 -14.79 -2.62
N VAL C 114 -8.29 -14.50 -1.35
CA VAL C 114 -9.07 -13.35 -0.94
C VAL C 114 -8.20 -12.50 -0.03
N GLU C 115 -8.20 -11.19 -0.25
CA GLU C 115 -7.55 -10.24 0.65
C GLU C 115 -8.58 -9.32 1.28
N ALA C 116 -8.38 -9.01 2.55
CA ALA C 116 -9.24 -8.03 3.20
C ALA C 116 -8.43 -7.27 4.23
N GLU C 117 -8.71 -5.99 4.37
CA GLU C 117 -8.06 -5.23 5.43
C GLU C 117 -9.07 -4.32 6.12
N VAL C 118 -8.76 -3.97 7.37
CA VAL C 118 -9.53 -3.02 8.14
C VAL C 118 -8.55 -2.06 8.81
N GLU C 119 -8.88 -0.78 8.79
CA GLU C 119 -8.08 0.27 9.41
C GLU C 119 -8.96 1.11 10.31
N ALA C 120 -8.37 1.60 11.39
CA ALA C 120 -9.02 2.52 12.31
C ALA C 120 -7.98 3.49 12.83
N GLU C 121 -8.40 4.73 13.08
CA GLU C 121 -7.47 5.70 13.64
C GLU C 121 -6.95 5.22 14.99
N ALA C 122 -5.64 5.33 15.20
CA ALA C 122 -5.00 5.01 16.47
C ALA C 122 -4.85 6.34 17.20
N LYS C 123 -5.78 6.62 18.10
CA LYS C 123 -5.90 7.94 18.69
C LYS C 123 -4.99 8.13 19.90
N SER D 1 5.87 -22.17 -0.78
CA SER D 1 6.01 -20.91 -0.05
C SER D 1 5.14 -19.83 -0.67
N ASN D 2 5.17 -18.64 -0.07
CA ASN D 2 4.50 -17.46 -0.59
C ASN D 2 5.46 -16.53 -1.32
N ALA D 3 6.66 -17.00 -1.68
CA ALA D 3 7.58 -16.18 -2.49
C ALA D 3 6.94 -15.83 -3.83
N ALA D 4 7.16 -14.61 -4.30
CA ALA D 4 6.37 -14.12 -5.43
C ALA D 4 7.01 -12.89 -6.08
N VAL D 5 6.67 -12.69 -7.35
CA VAL D 5 6.91 -11.42 -8.04
C VAL D 5 5.76 -11.18 -9.00
N ALA D 6 5.37 -9.91 -9.16
CA ALA D 6 4.36 -9.58 -10.16
C ALA D 6 4.56 -8.13 -10.57
N GLU D 7 4.14 -7.81 -11.79
CA GLU D 7 4.21 -6.47 -12.33
C GLU D 7 2.82 -6.03 -12.76
N VAL D 8 2.39 -4.85 -12.31
CA VAL D 8 1.08 -4.32 -12.64
C VAL D 8 1.24 -2.89 -13.12
N VAL D 9 0.25 -2.45 -13.89
CA VAL D 9 0.06 -1.03 -14.15
C VAL D 9 -1.13 -0.57 -13.33
N ARG D 10 -1.03 0.64 -12.78
CA ARG D 10 -1.93 1.10 -11.74
C ARG D 10 -2.28 2.57 -11.98
N VAL D 11 -3.55 2.92 -11.81
CA VAL D 11 -3.98 4.31 -11.71
C VAL D 11 -4.50 4.53 -10.29
N GLN D 12 -4.09 5.63 -9.67
CA GLN D 12 -4.55 6.00 -8.34
C GLN D 12 -5.12 7.40 -8.39
N LEU D 13 -6.34 7.55 -7.88
CA LEU D 13 -7.12 8.77 -7.96
C LEU D 13 -7.45 9.25 -6.56
N ASP D 14 -7.39 10.57 -6.34
CA ASP D 14 -7.73 11.20 -5.06
C ASP D 14 -8.56 12.44 -5.36
N VAL D 15 -9.83 12.44 -4.95
CA VAL D 15 -10.76 13.54 -5.17
C VAL D 15 -11.06 14.18 -3.83
N LYS D 16 -10.99 15.51 -3.75
CA LYS D 16 -11.22 16.23 -2.50
C LYS D 16 -12.58 16.90 -2.51
N PHE D 17 -13.22 16.96 -1.34
CA PHE D 17 -14.55 17.53 -1.21
C PHE D 17 -14.60 18.67 -0.19
N ASP D 18 -15.52 19.60 -0.41
CA ASP D 18 -15.76 20.64 0.57
C ASP D 18 -16.53 20.09 1.77
N PHE D 19 -16.50 20.85 2.86
CA PHE D 19 -17.14 20.43 4.09
C PHE D 19 -18.62 20.14 3.88
N ASP D 20 -19.05 18.95 4.30
CA ASP D 20 -20.44 18.48 4.27
C ASP D 20 -21.00 18.45 2.85
N LYS D 21 -20.13 18.31 1.86
CA LYS D 21 -20.55 18.25 0.46
C LYS D 21 -20.07 16.96 -0.17
N SER D 22 -20.86 16.46 -1.13
CA SER D 22 -20.48 15.32 -1.95
C SER D 22 -20.39 15.69 -3.44
N LYS D 23 -20.33 16.98 -3.75
CA LYS D 23 -20.25 17.40 -5.14
C LYS D 23 -18.84 17.20 -5.69
N VAL D 24 -18.74 16.57 -6.86
CA VAL D 24 -17.46 16.44 -7.54
C VAL D 24 -17.17 17.76 -8.27
N LYS D 25 -16.08 18.41 -7.88
CA LYS D 25 -15.70 19.68 -8.50
C LYS D 25 -15.28 19.47 -9.95
N GLU D 26 -15.48 20.50 -10.77
CA GLU D 26 -15.24 20.33 -12.21
C GLU D 26 -13.78 20.00 -12.49
N ASN D 27 -12.85 20.57 -11.70
CA ASN D 27 -11.43 20.32 -11.93
C ASN D 27 -11.05 18.86 -11.73
N SER D 28 -11.90 18.07 -11.07
CA SER D 28 -11.60 16.66 -10.84
C SER D 28 -12.13 15.74 -11.93
N TYR D 29 -12.94 16.24 -12.86
CA TYR D 29 -13.45 15.38 -13.92
C TYR D 29 -12.31 14.84 -14.79
N ALA D 30 -11.32 15.68 -15.11
CA ALA D 30 -10.23 15.22 -15.95
C ALA D 30 -9.48 14.07 -15.27
N ASP D 31 -9.34 14.14 -13.95
CA ASP D 31 -8.67 13.07 -13.21
C ASP D 31 -9.49 11.79 -13.25
N ILE D 32 -10.80 11.92 -13.02
CA ILE D 32 -11.69 10.77 -13.10
C ILE D 32 -11.66 10.18 -14.51
N LYS D 33 -11.56 11.04 -15.53
CA LYS D 33 -11.49 10.54 -16.91
C LYS D 33 -10.26 9.66 -17.13
N ASN D 34 -9.12 10.03 -16.54
CA ASN D 34 -7.94 9.18 -16.66
C ASN D 34 -8.22 7.78 -16.15
N LEU D 35 -8.91 7.69 -15.01
CA LEU D 35 -9.22 6.37 -14.47
C LEU D 35 -10.22 5.64 -15.34
N ALA D 36 -11.23 6.36 -15.85
CA ALA D 36 -12.19 5.72 -16.77
C ALA D 36 -11.50 5.22 -18.03
N ASP D 37 -10.63 6.05 -18.61
CA ASP D 37 -9.90 5.63 -19.82
C ASP D 37 -9.11 4.34 -19.56
N PHE D 38 -8.42 4.27 -18.42
CA PHE D 38 -7.70 3.06 -18.05
C PHE D 38 -8.63 1.85 -17.99
N MET D 39 -9.79 2.00 -17.33
CA MET D 39 -10.71 0.89 -17.21
C MET D 39 -11.26 0.47 -18.58
N LYS D 40 -11.38 1.40 -19.53
CA LYS D 40 -11.80 1.01 -20.87
C LYS D 40 -10.66 0.42 -21.69
N GLN D 41 -9.40 0.69 -21.35
CA GLN D 41 -8.28 0.03 -22.01
C GLN D 41 -8.04 -1.36 -21.44
N TYR D 42 -8.40 -1.59 -20.18
CA TYR D 42 -8.17 -2.85 -19.49
C TYR D 42 -9.51 -3.40 -19.03
N PRO D 43 -10.27 -4.05 -19.92
CA PRO D 43 -11.66 -4.39 -19.59
C PRO D 43 -11.83 -5.42 -18.49
N SER D 44 -10.81 -6.20 -18.16
CA SER D 44 -10.96 -7.19 -17.10
C SER D 44 -10.86 -6.61 -15.71
N THR D 45 -10.53 -5.32 -15.58
CA THR D 45 -10.31 -4.71 -14.27
C THR D 45 -11.62 -4.26 -13.63
N SER D 46 -11.57 -4.06 -12.32
CA SER D 46 -12.63 -3.46 -11.51
C SER D 46 -11.98 -2.49 -10.55
N THR D 47 -12.79 -1.59 -9.96
CA THR D 47 -12.27 -0.63 -9.00
C THR D 47 -13.20 -0.50 -7.81
N THR D 48 -12.61 -0.35 -6.63
CA THR D 48 -13.35 0.01 -5.44
C THR D 48 -13.12 1.50 -5.18
N VAL D 49 -14.20 2.27 -5.27
CA VAL D 49 -14.19 3.70 -5.06
C VAL D 49 -14.50 3.94 -3.58
N GLU D 50 -13.53 4.47 -2.83
CA GLU D 50 -13.59 4.51 -1.38
C GLU D 50 -13.83 5.94 -0.90
N GLY D 51 -14.96 6.17 -0.22
CA GLY D 51 -15.28 7.49 0.32
C GLY D 51 -14.88 7.64 1.78
N HIS D 52 -14.55 8.88 2.15
CA HIS D 52 -14.01 9.23 3.46
C HIS D 52 -14.53 10.58 3.90
N THR D 53 -14.43 10.85 5.21
CA THR D 53 -14.82 12.13 5.79
C THR D 53 -13.75 12.61 6.76
N ASP D 54 -13.82 13.89 7.13
CA ASP D 54 -13.14 14.33 8.34
C ASP D 54 -13.98 13.88 9.54
N SER D 55 -13.48 14.13 10.75
CA SER D 55 -14.10 13.57 11.94
C SER D 55 -15.17 14.46 12.56
N VAL D 56 -15.51 15.59 11.95
CA VAL D 56 -16.61 16.42 12.44
C VAL D 56 -17.94 15.70 12.20
N GLY D 57 -18.73 15.54 13.24
CA GLY D 57 -20.02 14.89 13.13
C GLY D 57 -19.99 13.47 13.67
N THR D 58 -21.16 12.85 13.72
CA THR D 58 -21.28 11.50 14.24
C THR D 58 -20.74 10.47 13.25
N ASP D 59 -20.38 9.30 13.77
CA ASP D 59 -19.92 8.21 12.91
C ASP D 59 -21.00 7.82 11.90
N ALA D 60 -22.26 7.76 12.34
CA ALA D 60 -23.34 7.37 11.43
C ALA D 60 -23.55 8.42 10.35
N TYR D 61 -23.49 9.70 10.71
CA TYR D 61 -23.63 10.73 9.69
C TYR D 61 -22.51 10.61 8.66
N ASN D 62 -21.27 10.46 9.13
CA ASN D 62 -20.13 10.42 8.23
C ASN D 62 -20.09 9.13 7.42
N GLN D 63 -20.60 8.02 7.96
CA GLN D 63 -20.72 6.81 7.15
C GLN D 63 -21.57 7.09 5.92
N LYS D 64 -22.73 7.72 6.10
CA LYS D 64 -23.58 8.02 4.96
C LYS D 64 -22.94 9.05 4.04
N LEU D 65 -22.29 10.07 4.60
CA LEU D 65 -21.67 11.09 3.77
C LEU D 65 -20.55 10.48 2.91
N SER D 66 -19.77 9.58 3.49
CA SER D 66 -18.68 8.97 2.74
C SER D 66 -19.23 8.13 1.60
N GLU D 67 -20.38 7.49 1.81
CA GLU D 67 -21.03 6.73 0.75
C GLU D 67 -21.55 7.66 -0.34
N ARG D 68 -22.12 8.81 0.03
CA ARG D 68 -22.52 9.78 -0.99
C ARG D 68 -21.33 10.21 -1.84
N ARG D 69 -20.16 10.44 -1.22
CA ARG D 69 -18.99 10.87 -1.95
C ARG D 69 -18.52 9.79 -2.92
N ALA D 70 -18.45 8.54 -2.43
CA ALA D 70 -18.06 7.44 -3.32
C ALA D 70 -19.06 7.27 -4.44
N ASN D 71 -20.37 7.36 -4.13
CA ASN D 71 -21.39 7.26 -5.17
C ASN D 71 -21.26 8.39 -6.19
N ALA D 72 -20.87 9.59 -5.74
CA ALA D 72 -20.76 10.71 -6.67
C ALA D 72 -19.63 10.49 -7.66
N VAL D 73 -18.49 9.96 -7.19
CA VAL D 73 -17.40 9.64 -8.10
C VAL D 73 -17.79 8.49 -9.01
N ARG D 74 -18.45 7.46 -8.46
CA ARG D 74 -18.96 6.38 -9.29
C ARG D 74 -19.88 6.90 -10.38
N ASP D 75 -20.72 7.88 -10.06
CA ASP D 75 -21.65 8.40 -11.06
C ASP D 75 -20.92 9.09 -12.21
N VAL D 76 -19.80 9.77 -11.93
CA VAL D 76 -19.03 10.37 -13.03
C VAL D 76 -18.40 9.28 -13.89
N LEU D 77 -17.80 8.27 -13.27
CA LEU D 77 -17.23 7.16 -14.03
C LEU D 77 -18.27 6.52 -14.94
N VAL D 78 -19.45 6.22 -14.40
CA VAL D 78 -20.44 5.39 -15.08
C VAL D 78 -21.25 6.21 -16.08
N ASN D 79 -21.72 7.36 -15.65
CA ASN D 79 -22.62 8.21 -16.42
C ASN D 79 -22.01 9.31 -17.27
N GLU D 80 -20.84 9.77 -16.93
CA GLU D 80 -20.13 10.71 -17.79
C GLU D 80 -19.17 10.00 -18.74
N TYR D 81 -18.46 8.97 -18.25
CA TYR D 81 -17.42 8.35 -19.06
C TYR D 81 -17.71 6.90 -19.41
N GLY D 82 -18.94 6.44 -19.23
CA GLY D 82 -19.36 5.19 -19.83
C GLY D 82 -18.80 3.91 -19.22
N VAL D 83 -18.22 3.96 -18.02
CA VAL D 83 -17.76 2.72 -17.40
C VAL D 83 -18.96 1.89 -16.94
N GLU D 84 -18.90 0.58 -17.18
CA GLU D 84 -19.96 -0.32 -16.72
C GLU D 84 -20.05 -0.33 -15.19
N GLY D 85 -21.27 -0.11 -14.68
CA GLY D 85 -21.47 0.02 -13.24
C GLY D 85 -21.06 -1.18 -12.41
N GLY D 86 -21.18 -2.39 -12.94
CA GLY D 86 -20.80 -3.57 -12.18
C GLY D 86 -19.30 -3.68 -11.93
N ARG D 87 -18.50 -2.88 -12.62
CA ARG D 87 -17.06 -2.83 -12.42
C ARG D 87 -16.64 -1.81 -11.38
N VAL D 88 -17.59 -1.05 -10.83
CA VAL D 88 -17.29 0.03 -9.90
C VAL D 88 -17.98 -0.27 -8.57
N ASN D 89 -17.18 -0.42 -7.51
CA ASN D 89 -17.67 -0.81 -6.20
C ASN D 89 -17.51 0.37 -5.25
N ALA D 90 -18.61 1.10 -5.03
CA ALA D 90 -18.59 2.29 -4.19
C ALA D 90 -18.77 1.90 -2.73
N VAL D 91 -17.81 2.26 -1.88
CA VAL D 91 -17.83 1.89 -0.47
CA VAL D 91 -17.81 1.89 -0.46
C VAL D 91 -17.44 3.11 0.36
N GLY D 92 -18.05 3.27 1.52
CA GLY D 92 -17.73 4.36 2.43
C GLY D 92 -17.06 3.83 3.68
N TYR D 93 -16.03 4.53 4.15
CA TYR D 93 -15.38 4.19 5.41
C TYR D 93 -15.63 5.24 6.48
N GLY D 94 -16.52 6.20 6.22
CA GLY D 94 -16.82 7.23 7.20
C GLY D 94 -15.57 7.99 7.58
N GLU D 95 -15.40 8.23 8.87
CA GLU D 95 -14.25 8.95 9.37
C GLU D 95 -13.16 8.02 9.87
N SER D 96 -13.28 6.71 9.60
CA SER D 96 -12.50 5.69 10.30
C SER D 96 -11.07 5.53 9.78
N ARG D 97 -10.73 6.10 8.62
CA ARG D 97 -9.42 5.89 8.00
C ARG D 97 -8.80 7.22 7.58
N PRO D 98 -8.45 8.08 8.55
CA PRO D 98 -7.84 9.35 8.18
C PRO D 98 -6.44 9.16 7.61
N VAL D 99 -6.07 10.08 6.71
CA VAL D 99 -4.69 10.21 6.26
C VAL D 99 -4.02 11.45 6.83
N ALA D 100 -4.77 12.33 7.51
CA ALA D 100 -4.23 13.57 8.05
C ALA D 100 -4.87 13.84 9.40
N ASP D 101 -4.32 14.85 10.10
CA ASP D 101 -4.76 15.20 11.45
C ASP D 101 -6.05 16.01 11.40
N ASN D 102 -7.12 15.44 11.97
CA ASN D 102 -8.39 16.16 12.01
C ASN D 102 -8.35 17.36 12.95
N ALA D 103 -7.28 17.54 13.72
CA ALA D 103 -7.19 18.67 14.63
C ALA D 103 -6.95 19.99 13.90
N THR D 104 -6.58 19.95 12.63
CA THR D 104 -6.28 21.13 11.84
C THR D 104 -7.25 21.23 10.68
N ALA D 105 -7.55 22.47 10.27
CA ALA D 105 -8.38 22.67 9.09
C ALA D 105 -7.72 22.07 7.85
N GLU D 106 -6.39 22.19 7.74
CA GLU D 106 -5.67 21.61 6.62
C GLU D 106 -5.84 20.09 6.59
N GLY D 107 -5.73 19.46 7.75
CA GLY D 107 -5.88 18.01 7.81
C GLY D 107 -7.29 17.55 7.48
N ARG D 108 -8.30 18.25 8.00
CA ARG D 108 -9.68 17.86 7.70
C ARG D 108 -9.96 17.99 6.21
N ALA D 109 -9.43 19.03 5.57
CA ALA D 109 -9.62 19.19 4.13
C ALA D 109 -8.99 18.05 3.33
N ILE D 110 -7.87 17.51 3.81
CA ILE D 110 -7.24 16.37 3.15
C ILE D 110 -8.07 15.10 3.35
N ASN D 111 -8.66 14.93 4.54
CA ASN D 111 -9.42 13.73 4.83
C ASN D 111 -10.74 13.65 4.07
N ARG D 112 -11.32 14.79 3.70
CA ARG D 112 -12.58 14.81 2.96
C ARG D 112 -12.30 14.40 1.52
N ARG D 113 -12.44 13.11 1.22
CA ARG D 113 -11.86 12.60 -0.02
C ARG D 113 -12.52 11.31 -0.46
N VAL D 114 -12.36 11.04 -1.76
CA VAL D 114 -12.55 9.73 -2.36
C VAL D 114 -11.20 9.28 -2.90
N GLU D 115 -10.84 8.03 -2.62
CA GLU D 115 -9.67 7.41 -3.22
C GLU D 115 -10.14 6.22 -4.02
N ALA D 116 -9.56 6.06 -5.22
CA ALA D 116 -9.81 4.89 -6.02
C ALA D 116 -8.53 4.46 -6.71
N GLU D 117 -8.32 3.16 -6.80
CA GLU D 117 -7.21 2.63 -7.56
C GLU D 117 -7.72 1.52 -8.46
N VAL D 118 -7.06 1.36 -9.59
CA VAL D 118 -7.32 0.24 -10.47
CA VAL D 118 -7.32 0.26 -10.51
C VAL D 118 -5.97 -0.31 -10.93
N GLU D 119 -5.85 -1.63 -10.94
CA GLU D 119 -4.62 -2.32 -11.30
C GLU D 119 -4.92 -3.37 -12.35
N ALA D 120 -3.98 -3.58 -13.27
CA ALA D 120 -4.04 -4.67 -14.24
C ALA D 120 -2.65 -5.26 -14.38
N GLU D 121 -2.55 -6.59 -14.52
CA GLU D 121 -1.24 -7.17 -14.77
C GLU D 121 -0.63 -6.55 -16.02
N ALA D 122 0.66 -6.26 -15.94
CA ALA D 122 1.44 -5.77 -17.08
C ALA D 122 1.87 -6.98 -17.90
N LYS D 123 0.97 -7.41 -18.78
N LYS D 123 0.98 -7.41 -18.79
CA LYS D 123 1.22 -8.56 -19.63
CA LYS D 123 1.21 -8.61 -19.59
C LYS D 123 0.97 -8.18 -21.09
C LYS D 123 0.93 -8.38 -21.08
#